data_3FYX
#
_entry.id   3FYX
#
_cell.length_a   135.520
_cell.length_b   135.520
_cell.length_c   47.520
_cell.angle_alpha   90.00
_cell.angle_beta   90.00
_cell.angle_gamma   120.00
#
_symmetry.space_group_name_H-M   'P 3 2 1'
#
loop_
_entity.id
_entity.type
_entity.pdbx_description
1 polymer 'Outer membrane protein F'
2 non-polymer N-(6,7,9,10,17,18,20,21-octahydrodibenzo[b,k][1,4,7,10,13,16]hexaoxacyclooctadecin-2-yl)acetamide
3 non-polymer '4-(2-HYDROXYETHYL)-1-PIPERAZINE ETHANESULFONIC ACID'
#
_entity_poly.entity_id   1
_entity_poly.type   'polypeptide(L)'
_entity_poly.pdbx_seq_one_letter_code
;AEIYNKDGNKVDLYGCAVGLHYFSKGNGENSYGGNGDMTYARLGFKGETQINSDLTGYGQWEYNFQGNNSEGADAQTGNK
TRLAFAGLKYADVGSFDYGRNYGVVYDALGYTDMLPEFGGDTAYSDDFFVGRVGGVATYRNSNFFGLVDGLNFAVQYLGK
NERDTARRSNGDGVGGSISYEYEGFGIVGAYGAADRTNLQEAQPLGNGKKAEQWATGLKYDANNIYLAANYGETRNATPI
TNKFTNTSGFANKTQDVLLVAQYQFDFGLRPSIAYTKSKAKDVEGIGDVDLVNYFEVGATYYFNKNMSTYVDYIINQIDS
DNKLGVGSDDTVAVGIVYQF
;
_entity_poly.pdbx_strand_id   A
#
loop_
_chem_comp.id
_chem_comp.type
_chem_comp.name
_chem_comp.formula
451 non-polymer N-(6,7,9,10,17,18,20,21-octahydrodibenzo[b,k][1,4,7,10,13,16]hexaoxacyclooctadecin-2-yl)acetamide 'C22 H27 N O7'
EPE non-polymer '4-(2-HYDROXYETHYL)-1-PIPERAZINE ETHANESULFONIC ACID' 'C8 H18 N2 O4 S'
#
# COMPACT_ATOMS: atom_id res chain seq x y z
N ALA A 1 -15.06 4.54 -14.79
CA ALA A 1 -15.74 5.30 -15.89
C ALA A 1 -16.70 6.34 -15.34
N GLU A 2 -16.61 7.54 -15.87
CA GLU A 2 -17.54 8.61 -15.54
C GLU A 2 -18.92 8.29 -16.12
N ILE A 3 -19.86 7.98 -15.24
CA ILE A 3 -21.18 7.56 -15.65
C ILE A 3 -22.25 8.57 -15.27
N TYR A 4 -21.85 9.66 -14.63
CA TYR A 4 -22.76 10.78 -14.35
C TYR A 4 -22.06 12.13 -14.32
N ASN A 5 -22.66 13.10 -14.99
CA ASN A 5 -22.24 14.50 -14.91
C ASN A 5 -23.35 15.46 -15.33
N LYS A 6 -24.06 16.00 -14.33
CA LYS A 6 -25.04 17.07 -14.52
C LYS A 6 -25.07 17.98 -13.31
N ASP A 7 -25.39 19.25 -13.57
CA ASP A 7 -25.48 20.28 -12.53
C ASP A 7 -24.26 20.37 -11.59
N GLY A 8 -23.08 20.16 -12.17
CA GLY A 8 -21.81 20.33 -11.45
C GLY A 8 -21.36 19.16 -10.60
N ASN A 9 -22.23 18.16 -10.41
CA ASN A 9 -21.84 16.92 -9.73
C ASN A 9 -21.30 15.88 -10.73
N LYS A 10 -20.06 15.44 -10.60
CA LYS A 10 -19.62 14.31 -11.43
C LYS A 10 -19.24 13.08 -10.61
N VAL A 11 -19.79 11.94 -11.07
CA VAL A 11 -19.69 10.63 -10.39
C VAL A 11 -18.97 9.64 -11.28
N ASP A 12 -17.87 9.06 -10.80
CA ASP A 12 -17.23 7.99 -11.56
C ASP A 12 -17.50 6.65 -10.89
N LEU A 13 -18.04 5.71 -11.68
CA LEU A 13 -18.21 4.33 -11.25
C LEU A 13 -17.21 3.45 -11.97
N TYR A 14 -16.30 2.86 -11.20
CA TYR A 14 -15.20 2.13 -11.77
C TYR A 14 -15.02 0.77 -11.11
N GLY A 15 -14.53 -0.19 -11.88
CA GLY A 15 -14.30 -1.52 -11.37
C GLY A 15 -13.31 -2.28 -12.23
N CYS A 16 -13.11 -3.55 -11.90
CA CYS A 16 -12.27 -4.42 -12.72
C CYS A 16 -12.52 -5.89 -12.43
N ALA A 17 -12.10 -6.72 -13.38
CA ALA A 17 -12.15 -8.16 -13.25
C ALA A 17 -10.76 -8.65 -13.57
N VAL A 18 -10.08 -9.13 -12.54
CA VAL A 18 -8.70 -9.57 -12.65
C VAL A 18 -8.57 -11.06 -12.39
N GLY A 19 -8.93 -11.85 -13.41
CA GLY A 19 -8.65 -13.28 -13.44
C GLY A 19 -7.16 -13.46 -13.30
N LEU A 20 -6.74 -14.13 -12.24
CA LEU A 20 -5.36 -14.13 -11.82
C LEU A 20 -4.99 -15.48 -11.26
N HIS A 21 -3.79 -15.95 -11.56
CA HIS A 21 -3.30 -17.19 -11.01
C HIS A 21 -1.90 -16.96 -10.48
N TYR A 22 -1.51 -17.70 -9.44
CA TYR A 22 -0.16 -17.68 -8.88
C TYR A 22 0.50 -19.04 -9.04
N PHE A 23 1.79 -19.07 -9.35
CA PHE A 23 2.47 -20.34 -9.62
C PHE A 23 3.68 -20.57 -8.71
N SER A 24 3.60 -21.63 -7.91
CA SER A 24 4.64 -22.02 -6.97
C SER A 24 4.62 -23.53 -6.83
N LYS A 25 5.78 -24.12 -6.44
CA LYS A 25 5.87 -25.56 -6.19
C LYS A 25 5.45 -25.94 -4.76
N GLY A 26 5.15 -27.24 -4.59
CA GLY A 26 4.54 -27.74 -3.35
C GLY A 26 3.17 -27.13 -3.12
N ASN A 27 2.74 -27.08 -1.86
CA ASN A 27 1.53 -26.33 -1.52
C ASN A 27 1.74 -24.84 -1.85
N GLY A 28 3.01 -24.41 -1.83
CA GLY A 28 3.33 -22.99 -1.88
C GLY A 28 3.03 -22.39 -0.51
N GLU A 29 2.91 -23.26 0.49
CA GLU A 29 2.79 -22.84 1.87
C GLU A 29 4.12 -22.16 2.23
N ASN A 30 5.15 -22.48 1.42
CA ASN A 30 6.50 -22.00 1.64
C ASN A 30 7.06 -21.12 0.51
N SER A 31 6.20 -20.77 -0.45
CA SER A 31 6.59 -19.82 -1.49
C SER A 31 6.32 -18.40 -1.03
N TYR A 32 6.73 -17.44 -1.84
CA TYR A 32 6.54 -16.03 -1.53
C TYR A 32 5.06 -15.65 -1.48
N GLY A 33 4.32 -15.90 -2.57
CA GLY A 33 2.96 -15.38 -2.69
C GLY A 33 1.78 -16.33 -2.59
N GLY A 34 2.05 -17.62 -2.36
CA GLY A 34 0.98 -18.63 -2.39
C GLY A 34 0.90 -19.35 -3.73
N ASN A 35 -0.13 -20.16 -3.90
CA ASN A 35 -0.30 -20.97 -5.11
C ASN A 35 -1.76 -21.25 -5.45
N GLY A 36 -2.13 -21.07 -6.71
CA GLY A 36 -3.49 -21.37 -7.17
C GLY A 36 -4.26 -20.15 -7.63
N ASP A 37 -5.59 -20.25 -7.61
CA ASP A 37 -6.47 -19.20 -8.11
C ASP A 37 -6.37 -17.99 -7.21
N MET A 38 -6.35 -16.80 -7.82
CA MET A 38 -6.17 -15.53 -7.09
C MET A 38 -6.98 -14.38 -7.71
N THR A 39 -7.99 -14.75 -8.48
CA THR A 39 -8.88 -13.81 -9.16
C THR A 39 -9.70 -12.94 -8.19
N TYR A 40 -9.85 -11.66 -8.53
CA TYR A 40 -10.62 -10.72 -7.71
C TYR A 40 -11.28 -9.63 -8.53
N ALA A 41 -12.29 -8.99 -7.93
CA ALA A 41 -13.00 -7.91 -8.57
C ALA A 41 -13.02 -6.72 -7.66
N ARG A 42 -13.09 -5.54 -8.26
CA ARG A 42 -13.12 -4.29 -7.53
C ARG A 42 -14.26 -3.47 -8.09
N LEU A 43 -14.81 -2.62 -7.25
CA LEU A 43 -15.87 -1.75 -7.66
C LEU A 43 -15.86 -0.61 -6.67
N GLY A 44 -16.07 0.59 -7.17
CA GLY A 44 -16.09 1.75 -6.30
C GLY A 44 -16.53 3.02 -7.01
N PHE A 45 -16.70 4.09 -6.24
CA PHE A 45 -17.01 5.36 -6.83
C PHE A 45 -16.13 6.50 -6.35
N LYS A 46 -15.56 7.23 -7.30
CA LYS A 46 -14.98 8.55 -7.05
C LYS A 46 -16.05 9.53 -7.47
N GLY A 47 -16.60 10.24 -6.48
CA GLY A 47 -17.56 11.29 -6.74
C GLY A 47 -16.94 12.64 -6.49
N GLU A 48 -17.51 13.68 -7.10
CA GLU A 48 -16.97 15.04 -6.97
C GLU A 48 -18.04 16.08 -7.24
N THR A 49 -18.15 17.08 -6.35
CA THR A 49 -19.11 18.17 -6.54
C THR A 49 -18.51 19.55 -6.34
N GLN A 50 -18.98 20.47 -7.17
CA GLN A 50 -18.62 21.87 -7.06
C GLN A 50 -19.68 22.62 -6.26
N ILE A 51 -19.27 23.12 -5.10
CA ILE A 51 -20.11 23.88 -4.20
C ILE A 51 -20.16 25.36 -4.64
N ASN A 52 -19.00 25.87 -5.04
CA ASN A 52 -18.90 27.11 -5.83
C ASN A 52 -17.63 27.05 -6.72
N SER A 53 -17.10 28.21 -7.11
CA SER A 53 -15.82 28.24 -7.78
C SER A 53 -14.72 27.87 -6.78
N ASP A 54 -14.66 28.58 -5.66
CA ASP A 54 -13.60 28.34 -4.70
C ASP A 54 -13.70 26.99 -3.96
N LEU A 55 -14.79 26.25 -4.14
CA LEU A 55 -15.03 25.04 -3.31
C LEU A 55 -15.45 23.74 -4.02
N THR A 56 -14.78 22.63 -3.68
CA THR A 56 -15.05 21.29 -4.25
C THR A 56 -15.22 20.20 -3.18
N GLY A 57 -16.38 19.53 -3.18
CA GLY A 57 -16.61 18.39 -2.28
C GLY A 57 -16.50 17.05 -2.98
N TYR A 58 -15.82 16.08 -2.35
CA TYR A 58 -15.60 14.74 -2.93
C TYR A 58 -15.83 13.58 -1.96
N GLY A 59 -15.90 12.37 -2.49
CA GLY A 59 -16.07 11.18 -1.70
C GLY A 59 -15.66 9.96 -2.51
N GLN A 60 -15.12 8.96 -1.84
CA GLN A 60 -14.72 7.73 -2.53
C GLN A 60 -15.01 6.49 -1.70
N TRP A 61 -15.41 5.42 -2.39
CA TRP A 61 -15.54 4.09 -1.79
C TRP A 61 -15.08 3.04 -2.78
N GLU A 62 -14.15 2.18 -2.36
CA GLU A 62 -13.64 1.11 -3.22
C GLU A 62 -13.77 -0.18 -2.47
N TYR A 63 -14.13 -1.25 -3.18
CA TYR A 63 -14.36 -2.53 -2.52
C TYR A 63 -13.76 -3.69 -3.27
N ASN A 64 -13.08 -4.54 -2.48
CA ASN A 64 -12.46 -5.76 -2.95
C ASN A 64 -13.43 -6.91 -2.86
N PHE A 65 -13.75 -7.50 -4.01
CA PHE A 65 -14.55 -8.73 -4.09
C PHE A 65 -13.61 -9.86 -4.52
N GLN A 66 -13.63 -10.96 -3.78
CA GLN A 66 -12.75 -12.09 -4.10
C GLN A 66 -13.43 -13.10 -5.01
N GLY A 67 -12.71 -13.54 -6.04
CA GLY A 67 -13.24 -14.48 -7.03
C GLY A 67 -12.84 -15.93 -6.85
N ASN A 68 -12.05 -16.20 -5.81
CA ASN A 68 -11.50 -17.55 -5.61
C ASN A 68 -12.19 -18.40 -4.52
N ASN A 69 -13.35 -17.95 -4.04
CA ASN A 69 -14.15 -18.70 -3.06
C ASN A 69 -15.22 -19.54 -3.75
N SER A 70 -15.50 -20.73 -3.19
CA SER A 70 -16.68 -21.50 -3.59
C SER A 70 -17.91 -20.75 -3.13
N GLU A 71 -19.03 -20.94 -3.81
CA GLU A 71 -20.24 -20.20 -3.47
C GLU A 71 -20.87 -20.60 -2.14
N GLY A 72 -20.14 -21.36 -1.33
CA GLY A 72 -20.68 -21.87 -0.06
C GLY A 72 -20.51 -20.98 1.15
N ALA A 73 -19.57 -21.36 2.01
CA ALA A 73 -19.32 -20.72 3.31
C ALA A 73 -18.08 -19.85 3.28
N ASP A 74 -17.05 -20.35 2.60
CA ASP A 74 -15.84 -19.61 2.32
C ASP A 74 -16.13 -18.46 1.35
N ALA A 75 -17.39 -18.36 0.93
CA ALA A 75 -17.89 -17.35 -0.02
C ALA A 75 -17.48 -15.89 0.23
N GLN A 76 -17.21 -15.52 1.48
CA GLN A 76 -17.01 -14.11 1.87
C GLN A 76 -15.58 -13.65 2.03
N THR A 77 -14.62 -14.57 1.89
CA THR A 77 -13.24 -14.38 2.36
C THR A 77 -12.43 -13.36 1.59
N GLY A 78 -11.80 -12.46 2.35
CA GLY A 78 -10.96 -11.44 1.77
C GLY A 78 -11.75 -10.33 1.11
N ASN A 79 -13.05 -10.30 1.38
CA ASN A 79 -13.89 -9.16 0.98
C ASN A 79 -13.79 -8.01 1.97
N LYS A 80 -13.73 -6.80 1.45
CA LYS A 80 -13.43 -5.64 2.27
C LYS A 80 -13.68 -4.34 1.52
N THR A 81 -14.02 -3.29 2.28
CA THR A 81 -13.97 -1.92 1.83
C THR A 81 -12.53 -1.50 1.94
N ARG A 82 -11.94 -1.12 0.83
CA ARG A 82 -10.55 -0.73 0.88
C ARG A 82 -10.41 0.76 1.19
N LEU A 83 -11.30 1.56 0.58
CA LEU A 83 -11.38 3.00 0.81
C LEU A 83 -12.83 3.39 1.08
N ALA A 84 -13.02 4.39 1.93
CA ALA A 84 -14.32 5.00 2.13
C ALA A 84 -14.11 6.31 2.82
N PHE A 85 -14.16 7.42 2.09
CA PHE A 85 -13.93 8.77 2.68
C PHE A 85 -14.63 9.95 2.03
N ALA A 86 -14.54 11.11 2.66
CA ALA A 86 -15.12 12.33 2.14
C ALA A 86 -14.37 13.59 2.62
N GLY A 87 -14.39 14.63 1.79
CA GLY A 87 -13.63 15.85 2.07
C GLY A 87 -14.00 17.11 1.32
N LEU A 88 -13.36 18.22 1.71
CA LEU A 88 -13.59 19.52 1.10
C LEU A 88 -12.32 20.20 0.57
N LYS A 89 -12.28 20.46 -0.74
CA LYS A 89 -11.17 21.16 -1.40
C LYS A 89 -11.42 22.65 -1.40
N TYR A 90 -10.80 23.39 -0.48
CA TYR A 90 -10.94 24.84 -0.54
C TYR A 90 -9.87 25.48 -1.39
N ALA A 91 -10.34 26.01 -2.52
CA ALA A 91 -9.58 26.80 -3.49
C ALA A 91 -8.06 26.59 -3.41
N ASP A 92 -7.37 27.52 -2.75
CA ASP A 92 -5.92 27.46 -2.57
C ASP A 92 -5.53 27.15 -1.12
N VAL A 93 -6.49 27.28 -0.22
CA VAL A 93 -6.21 27.10 1.22
C VAL A 93 -5.95 25.65 1.58
N GLY A 94 -6.66 24.71 0.96
CA GLY A 94 -6.40 23.28 1.16
C GLY A 94 -7.54 22.29 0.97
N SER A 95 -7.42 21.15 1.66
CA SER A 95 -8.29 19.99 1.44
C SER A 95 -8.32 19.06 2.65
N PHE A 96 -9.49 18.86 3.25
CA PHE A 96 -9.61 17.99 4.44
C PHE A 96 -10.56 16.81 4.26
N ASP A 97 -10.08 15.60 4.58
CA ASP A 97 -10.92 14.40 4.47
C ASP A 97 -10.77 13.39 5.61
N TYR A 98 -11.91 12.94 6.14
CA TYR A 98 -11.94 11.87 7.16
C TYR A 98 -12.52 10.59 6.58
N GLY A 99 -12.10 9.44 7.10
CA GLY A 99 -12.65 8.16 6.68
C GLY A 99 -11.63 7.04 6.81
N ARG A 100 -11.80 5.99 6.01
CA ARG A 100 -10.78 4.98 5.87
C ARG A 100 -9.91 5.37 4.67
N ASN A 101 -8.61 5.50 4.85
CA ASN A 101 -7.74 5.97 3.76
C ASN A 101 -6.29 5.57 3.93
N TYR A 102 -5.48 5.84 2.90
CA TYR A 102 -4.04 5.65 2.96
C TYR A 102 -3.45 6.63 3.95
N GLY A 103 -2.54 6.15 4.79
CA GLY A 103 -1.91 6.99 5.81
C GLY A 103 -0.83 7.86 5.20
N VAL A 104 -0.52 8.98 5.84
CA VAL A 104 0.50 9.89 5.31
C VAL A 104 1.82 9.21 4.91
N VAL A 105 2.24 8.20 5.67
CA VAL A 105 3.49 7.50 5.32
C VAL A 105 3.40 6.98 3.89
N TYR A 106 2.27 6.38 3.54
CA TYR A 106 2.07 5.92 2.16
C TYR A 106 2.34 7.01 1.11
N ASP A 107 2.36 8.28 1.53
CA ASP A 107 2.74 9.37 0.64
C ASP A 107 4.17 9.20 0.15
N ALA A 108 4.92 8.38 0.86
CA ALA A 108 6.30 8.07 0.51
C ALA A 108 6.45 6.67 -0.10
N LEU A 109 6.10 5.66 0.67
CA LEU A 109 6.26 4.26 0.26
C LEU A 109 5.55 3.96 -1.05
N GLY A 110 4.50 4.73 -1.32
CA GLY A 110 3.66 4.59 -2.51
C GLY A 110 4.46 4.50 -3.80
N TYR A 111 5.47 5.35 -3.89
CA TYR A 111 6.44 5.34 -4.98
C TYR A 111 6.77 3.95 -5.56
N THR A 112 7.18 3.01 -4.70
CA THR A 112 7.64 1.71 -5.17
C THR A 112 6.51 0.68 -5.16
N ASP A 113 5.28 1.15 -4.98
CA ASP A 113 4.12 0.27 -5.13
C ASP A 113 3.60 0.41 -6.54
N MET A 114 4.37 -0.13 -7.48
CA MET A 114 4.10 0.06 -8.89
C MET A 114 4.31 -1.22 -9.68
N LEU A 115 4.54 -2.33 -9.00
CA LEU A 115 4.74 -3.59 -9.72
C LEU A 115 3.39 -4.12 -10.24
N PRO A 116 3.41 -4.84 -11.37
CA PRO A 116 2.25 -5.50 -11.98
C PRO A 116 1.34 -6.24 -11.00
N GLU A 117 1.95 -7.00 -10.08
CA GLU A 117 1.19 -7.78 -9.10
C GLU A 117 1.66 -7.59 -7.66
N PHE A 118 2.97 -7.69 -7.47
CA PHE A 118 3.54 -7.66 -6.13
C PHE A 118 4.20 -6.29 -5.81
N GLY A 119 5.23 -6.29 -4.98
CA GLY A 119 5.87 -5.05 -4.57
C GLY A 119 5.07 -4.33 -3.51
N GLY A 120 5.57 -3.18 -3.07
CA GLY A 120 4.95 -2.41 -1.98
C GLY A 120 4.67 -3.22 -0.72
N ASP A 121 5.66 -4.00 -0.29
CA ASP A 121 5.50 -4.97 0.79
C ASP A 121 5.46 -4.35 2.19
N THR A 122 5.95 -3.11 2.32
CA THR A 122 5.96 -2.45 3.62
C THR A 122 4.70 -1.62 3.83
N ALA A 123 3.72 -1.74 2.91
CA ALA A 123 2.51 -0.92 2.93
C ALA A 123 1.28 -1.63 3.55
N TYR A 124 1.45 -2.12 4.77
CA TYR A 124 0.48 -2.99 5.45
C TYR A 124 -0.87 -2.31 5.74
N SER A 125 -1.93 -3.12 5.78
CA SER A 125 -3.26 -2.62 6.11
C SER A 125 -3.43 -2.55 7.62
N ASP A 126 -3.99 -1.43 8.06
CA ASP A 126 -4.19 -1.15 9.47
C ASP A 126 -2.89 -1.28 10.27
N ASP A 127 -1.83 -0.74 9.64
CA ASP A 127 -0.50 -0.64 10.21
C ASP A 127 -0.15 0.82 10.41
N PHE A 128 -1.04 1.54 11.09
CA PHE A 128 -0.83 2.95 11.45
C PHE A 128 -0.86 3.92 10.24
N PHE A 129 0.27 4.04 9.51
CA PHE A 129 0.43 5.08 8.48
C PHE A 129 0.93 4.60 7.12
N VAL A 130 1.47 3.39 7.09
CA VAL A 130 2.16 2.86 5.91
C VAL A 130 1.21 2.33 4.82
N GLY A 131 -0.06 2.17 5.19
CA GLY A 131 -1.08 1.68 4.26
C GLY A 131 -2.47 2.22 4.55
N ARG A 132 -3.48 1.41 4.26
CA ARG A 132 -4.84 1.88 4.40
C ARG A 132 -5.34 1.65 5.81
N VAL A 133 -5.67 2.73 6.50
CA VAL A 133 -6.18 2.66 7.88
C VAL A 133 -7.54 3.32 8.04
N GLY A 134 -8.21 3.01 9.15
CA GLY A 134 -9.55 3.50 9.42
C GLY A 134 -9.53 4.54 10.51
N GLY A 135 -10.16 5.68 10.23
CA GLY A 135 -10.27 6.76 11.20
C GLY A 135 -9.16 7.78 11.10
N VAL A 136 -8.80 8.16 9.86
CA VAL A 136 -7.72 9.10 9.58
C VAL A 136 -8.21 10.43 9.02
N ALA A 137 -8.08 11.49 9.81
CA ALA A 137 -8.34 12.84 9.31
C ALA A 137 -7.06 13.36 8.69
N THR A 138 -7.17 13.83 7.44
CA THR A 138 -6.00 14.34 6.73
C THR A 138 -6.24 15.72 6.13
N TYR A 139 -5.26 16.60 6.37
CA TYR A 139 -5.20 17.88 5.71
C TYR A 139 -4.01 17.89 4.77
N ARG A 140 -4.30 18.03 3.48
CA ARG A 140 -3.28 18.06 2.45
C ARG A 140 -3.26 19.43 1.81
N ASN A 141 -2.06 19.93 1.54
CA ASN A 141 -1.87 21.23 0.87
C ASN A 141 -1.07 21.13 -0.44
N SER A 142 -1.65 21.64 -1.53
CA SER A 142 -0.98 21.65 -2.84
C SER A 142 -0.23 22.97 -3.08
N ASN A 143 1.02 22.86 -3.54
CA ASN A 143 1.84 24.02 -3.93
C ASN A 143 2.05 25.08 -2.84
N PHE A 144 2.14 24.63 -1.59
CA PHE A 144 2.24 25.53 -0.43
C PHE A 144 1.37 26.79 -0.58
N PHE A 145 0.06 26.61 -0.35
CA PHE A 145 -0.95 27.67 -0.47
C PHE A 145 -0.97 28.36 -1.85
N GLY A 146 -0.56 27.63 -2.88
CA GLY A 146 -0.48 28.14 -4.24
C GLY A 146 0.64 29.12 -4.49
N LEU A 147 1.67 29.09 -3.65
CA LEU A 147 2.77 30.05 -3.75
C LEU A 147 4.09 29.43 -4.19
N VAL A 148 4.34 28.18 -3.79
CA VAL A 148 5.56 27.50 -4.23
C VAL A 148 5.20 26.25 -5.06
N ASP A 149 5.43 26.36 -6.37
CA ASP A 149 5.01 25.35 -7.37
C ASP A 149 5.58 23.94 -7.23
N GLY A 150 4.70 23.01 -6.87
CA GLY A 150 5.05 21.60 -6.74
C GLY A 150 5.54 21.24 -5.36
N LEU A 151 5.46 22.18 -4.42
CA LEU A 151 5.83 21.96 -3.03
C LEU A 151 4.60 21.65 -2.20
N ASN A 152 4.48 20.40 -1.79
CA ASN A 152 3.28 19.91 -1.13
C ASN A 152 3.59 19.29 0.20
N PHE A 153 2.66 19.44 1.15
CA PHE A 153 2.75 18.70 2.40
C PHE A 153 1.41 18.08 2.76
N ALA A 154 1.40 17.33 3.85
CA ALA A 154 0.19 16.82 4.47
C ALA A 154 0.41 16.62 5.97
N VAL A 155 -0.57 16.99 6.78
CA VAL A 155 -0.56 16.68 8.22
C VAL A 155 -1.76 15.80 8.57
N GLN A 156 -1.50 14.63 9.16
CA GLN A 156 -2.54 13.63 9.38
C GLN A 156 -2.78 13.33 10.86
N TYR A 157 -4.02 12.94 11.16
CA TYR A 157 -4.46 12.62 12.53
C TYR A 157 -5.08 11.23 12.56
N LEU A 158 -4.48 10.33 13.35
CA LEU A 158 -4.96 8.95 13.49
C LEU A 158 -5.82 8.76 14.75
N GLY A 159 -6.95 8.08 14.59
CA GLY A 159 -7.90 7.90 15.67
C GLY A 159 -7.89 6.48 16.22
N LYS A 160 -7.60 6.38 17.52
CA LYS A 160 -7.54 5.09 18.23
C LYS A 160 -8.59 4.08 17.74
N ASN A 161 -8.13 3.05 17.02
CA ASN A 161 -8.98 1.93 16.67
C ASN A 161 -8.61 0.77 17.58
N GLU A 162 -9.39 0.55 18.63
CA GLU A 162 -9.18 -0.58 19.51
C GLU A 162 -9.97 -1.76 18.97
N ARG A 163 -9.26 -2.74 18.42
CA ARG A 163 -9.91 -3.89 17.80
C ARG A 163 -9.63 -5.20 18.53
N ASP A 164 -10.36 -6.25 18.15
CA ASP A 164 -10.18 -7.60 18.69
C ASP A 164 -8.74 -8.13 18.48
N THR A 165 -8.02 -7.61 17.48
CA THR A 165 -6.66 -8.05 17.14
C THR A 165 -5.63 -6.90 17.27
N ALA A 166 -4.44 -7.22 17.79
CA ALA A 166 -3.32 -6.26 17.91
C ALA A 166 -2.77 -5.86 16.54
N ARG A 167 -2.64 -6.85 15.65
CA ARG A 167 -2.31 -6.66 14.24
C ARG A 167 -3.12 -5.52 13.60
N ARG A 168 -4.42 -5.48 13.93
CA ARG A 168 -5.36 -4.58 13.26
C ARG A 168 -5.67 -3.32 14.06
N SER A 169 -5.38 -3.36 15.36
CA SER A 169 -5.57 -2.23 16.27
C SER A 169 -4.56 -1.09 16.04
N ASN A 170 -4.74 -0.02 16.81
CA ASN A 170 -3.85 1.13 16.85
C ASN A 170 -4.44 2.19 17.79
N GLY A 171 -3.59 3.02 18.37
CA GLY A 171 -4.06 4.06 19.29
C GLY A 171 -4.15 5.43 18.64
N ASP A 172 -4.17 6.47 19.48
CA ASP A 172 -4.07 7.87 19.02
C ASP A 172 -2.68 8.18 18.47
N GLY A 173 -2.63 8.85 17.32
CA GLY A 173 -1.37 9.21 16.67
C GLY A 173 -1.45 10.45 15.82
N VAL A 174 -0.29 10.93 15.38
CA VAL A 174 -0.22 12.05 14.45
C VAL A 174 0.82 11.72 13.38
N GLY A 175 0.72 12.38 12.24
CA GLY A 175 1.69 12.20 11.17
C GLY A 175 1.75 13.39 10.23
N GLY A 176 2.77 13.38 9.36
CA GLY A 176 2.92 14.39 8.34
C GLY A 176 3.72 13.91 7.14
N SER A 177 3.92 14.82 6.18
CA SER A 177 4.70 14.56 4.96
C SER A 177 4.91 15.80 4.09
N ILE A 178 6.07 15.88 3.45
CA ILE A 178 6.38 16.91 2.43
C ILE A 178 7.03 16.29 1.19
N SER A 179 6.43 16.56 0.03
CA SER A 179 7.03 16.15 -1.24
C SER A 179 7.19 17.32 -2.22
N TYR A 180 8.36 17.39 -2.86
CA TYR A 180 8.66 18.42 -3.83
C TYR A 180 9.01 17.78 -5.15
N GLU A 181 8.36 18.25 -6.21
CA GLU A 181 8.39 17.61 -7.51
C GLU A 181 8.94 18.50 -8.64
N TYR A 182 10.25 18.76 -8.62
CA TYR A 182 10.89 19.53 -9.69
C TYR A 182 11.20 18.75 -11.01
N GLU A 183 10.31 18.90 -12.00
CA GLU A 183 10.48 18.43 -13.41
C GLU A 183 10.76 16.93 -13.58
N GLY A 184 9.72 16.12 -13.38
CA GLY A 184 9.84 14.67 -13.48
C GLY A 184 10.42 14.05 -12.22
N PHE A 185 11.35 14.77 -11.59
CA PHE A 185 11.91 14.34 -10.31
C PHE A 185 10.97 14.66 -9.16
N GLY A 186 10.83 13.72 -8.23
CA GLY A 186 10.08 13.94 -6.98
C GLY A 186 10.78 13.30 -5.79
N ILE A 187 11.01 14.09 -4.74
CA ILE A 187 11.55 13.56 -3.49
C ILE A 187 10.55 13.73 -2.36
N VAL A 188 10.23 12.64 -1.65
CA VAL A 188 9.26 12.67 -0.54
C VAL A 188 9.87 12.36 0.83
N GLY A 189 9.40 13.09 1.83
CA GLY A 189 9.66 12.79 3.23
C GLY A 189 8.37 12.55 3.97
N ALA A 190 8.37 11.62 4.92
CA ALA A 190 7.15 11.25 5.62
C ALA A 190 7.42 10.58 6.97
N TYR A 191 6.65 11.01 7.98
CA TYR A 191 6.78 10.53 9.37
C TYR A 191 5.45 10.47 10.13
N GLY A 192 5.33 9.43 10.97
CA GLY A 192 4.16 9.24 11.83
C GLY A 192 4.46 8.47 13.12
N ALA A 193 3.93 8.98 14.23
CA ALA A 193 4.06 8.32 15.52
C ALA A 193 2.67 8.07 16.09
N ALA A 194 2.52 6.99 16.86
CA ALA A 194 1.24 6.60 17.41
C ALA A 194 1.34 5.97 18.80
N ASP A 195 0.35 6.26 19.66
CA ASP A 195 0.17 5.52 20.92
C ASP A 195 -0.15 4.07 20.55
N ARG A 196 0.33 3.12 21.36
CA ARG A 196 -0.02 1.72 21.14
C ARG A 196 -1.18 1.30 22.06
N THR A 197 -2.00 0.38 21.57
CA THR A 197 -3.09 -0.17 22.35
C THR A 197 -2.55 -1.16 23.36
N ASN A 198 -3.22 -1.25 24.49
CA ASN A 198 -2.80 -2.16 25.56
C ASN A 198 -2.75 -3.62 25.10
N LEU A 199 -3.59 -3.98 24.13
CA LEU A 199 -3.53 -5.34 23.55
C LEU A 199 -2.25 -5.54 22.71
N GLN A 200 -1.87 -4.50 21.96
CA GLN A 200 -0.62 -4.51 21.20
C GLN A 200 0.58 -4.62 22.14
N GLU A 201 0.47 -3.99 23.30
CA GLU A 201 1.58 -3.95 24.25
C GLU A 201 1.72 -5.28 24.97
N ALA A 202 0.60 -5.96 25.19
CA ALA A 202 0.60 -7.30 25.77
C ALA A 202 0.83 -8.37 24.69
N GLN A 203 1.63 -8.02 23.69
CA GLN A 203 2.11 -8.96 22.69
C GLN A 203 3.46 -9.53 23.13
N PRO A 204 3.79 -10.76 22.66
CA PRO A 204 5.11 -11.30 22.94
C PRO A 204 6.18 -10.57 22.11
N LEU A 205 5.93 -10.45 20.81
CA LEU A 205 6.84 -9.76 19.92
C LEU A 205 6.55 -8.26 19.92
N GLY A 206 7.58 -7.46 20.20
CA GLY A 206 7.47 -6.00 20.20
C GLY A 206 7.53 -5.38 21.58
N ASN A 207 8.24 -4.26 21.69
CA ASN A 207 8.33 -3.55 22.97
C ASN A 207 8.51 -2.05 22.88
N GLY A 208 7.50 -1.34 23.41
CA GLY A 208 7.47 0.11 23.43
C GLY A 208 6.07 0.60 23.68
N LYS A 209 5.96 1.86 24.04
CA LYS A 209 4.66 2.50 24.29
C LYS A 209 4.21 3.25 23.04
N LYS A 210 4.87 2.96 21.92
CA LYS A 210 4.76 3.82 20.74
C LYS A 210 5.24 3.08 19.51
N ALA A 211 4.50 3.24 18.41
CA ALA A 211 4.95 2.76 17.11
C ALA A 211 5.37 3.97 16.28
N GLU A 212 6.37 3.75 15.42
CA GLU A 212 6.88 4.82 14.53
C GLU A 212 7.16 4.31 13.13
N GLN A 213 6.77 5.11 12.15
CA GLN A 213 6.99 4.81 10.76
C GLN A 213 7.43 6.09 10.06
N TRP A 214 8.64 6.10 9.53
CA TRP A 214 9.07 7.17 8.65
C TRP A 214 9.71 6.58 7.39
N ALA A 215 9.47 7.24 6.27
CA ALA A 215 10.07 6.83 5.02
C ALA A 215 10.42 8.00 4.11
N THR A 216 11.55 7.88 3.43
CA THR A 216 11.99 8.81 2.39
C THR A 216 11.76 8.17 1.03
N GLY A 217 11.52 9.00 0.03
CA GLY A 217 11.29 8.48 -1.31
C GLY A 217 11.97 9.31 -2.37
N LEU A 218 12.30 8.66 -3.48
CA LEU A 218 12.75 9.35 -4.68
C LEU A 218 12.27 8.67 -5.93
N LYS A 219 12.00 9.47 -6.94
CA LYS A 219 11.44 8.95 -8.18
C LYS A 219 11.82 9.78 -9.39
N TYR A 220 11.74 9.15 -10.54
CA TYR A 220 11.81 9.87 -11.78
C TYR A 220 10.64 9.42 -12.62
N ASP A 221 9.65 10.29 -12.77
CA ASP A 221 8.49 10.03 -13.61
C ASP A 221 8.56 10.96 -14.80
N ALA A 222 9.13 10.43 -15.90
CA ALA A 222 9.29 11.13 -17.19
C ALA A 222 9.80 10.20 -18.32
N ASN A 223 9.57 10.63 -19.56
CA ASN A 223 10.03 9.96 -20.78
C ASN A 223 9.70 8.46 -20.93
N ASN A 224 8.60 8.04 -20.32
CA ASN A 224 8.17 6.62 -20.27
C ASN A 224 9.01 5.81 -19.28
N ILE A 225 9.74 6.52 -18.41
CA ILE A 225 10.57 5.91 -17.39
C ILE A 225 9.93 5.98 -16.02
N TYR A 226 10.01 4.87 -15.29
CA TYR A 226 9.79 4.92 -13.86
C TYR A 226 10.96 4.31 -13.10
N LEU A 227 11.72 5.18 -12.41
CA LEU A 227 12.69 4.79 -11.38
C LEU A 227 12.24 5.33 -10.04
N ALA A 228 12.28 4.49 -9.01
CA ALA A 228 11.95 4.93 -7.67
C ALA A 228 12.65 4.10 -6.61
N ALA A 229 12.98 4.79 -5.52
CA ALA A 229 13.68 4.20 -4.41
C ALA A 229 12.93 4.58 -3.15
N ASN A 230 12.95 3.67 -2.19
CA ASN A 230 12.37 3.95 -0.88
C ASN A 230 13.23 3.45 0.28
N TYR A 231 13.48 4.34 1.26
CA TYR A 231 14.07 3.94 2.53
C TYR A 231 13.14 4.22 3.68
N GLY A 232 12.83 3.18 4.44
CA GLY A 232 11.95 3.31 5.58
C GLY A 232 12.52 2.71 6.85
N GLU A 233 11.94 3.11 7.98
CA GLU A 233 12.27 2.55 9.29
C GLU A 233 11.07 2.55 10.21
N THR A 234 10.61 1.33 10.56
CA THR A 234 9.50 1.16 11.51
C THR A 234 10.00 0.73 12.90
N ARG A 235 9.50 1.40 13.93
CA ARG A 235 9.83 1.11 15.34
C ARG A 235 8.61 0.53 16.03
N ASN A 236 8.75 -0.70 16.53
CA ASN A 236 7.65 -1.41 17.18
C ASN A 236 6.40 -1.35 16.30
N ALA A 237 6.62 -1.29 14.99
CA ALA A 237 5.60 -0.84 14.04
C ALA A 237 5.15 -1.86 12.99
N THR A 238 6.09 -2.58 12.40
CA THR A 238 5.77 -3.61 11.43
C THR A 238 5.25 -4.85 12.16
N PRO A 239 4.20 -5.52 11.64
CA PRO A 239 3.70 -6.75 12.25
C PRO A 239 4.37 -8.01 11.73
N ILE A 240 4.53 -9.02 12.59
CA ILE A 240 5.26 -10.24 12.23
C ILE A 240 4.74 -11.50 12.94
N THR A 241 5.08 -12.67 12.41
CA THR A 241 4.69 -13.94 13.03
C THR A 241 5.80 -14.97 13.11
N ASN A 242 6.12 -15.41 14.32
CA ASN A 242 6.92 -16.63 14.44
C ASN A 242 6.03 -17.81 14.06
N LYS A 243 6.26 -18.33 12.85
CA LYS A 243 5.54 -19.52 12.38
C LYS A 243 5.95 -20.80 13.12
N PHE A 244 7.19 -20.84 13.63
CA PHE A 244 7.62 -21.99 14.43
C PHE A 244 6.86 -22.05 15.77
N THR A 245 7.15 -21.10 16.67
CA THR A 245 6.47 -21.03 17.98
C THR A 245 5.06 -20.41 17.89
N ASN A 246 4.55 -20.26 16.67
CA ASN A 246 3.22 -19.71 16.39
C ASN A 246 2.90 -18.39 17.14
N THR A 247 3.94 -17.57 17.32
CA THR A 247 3.86 -16.31 18.08
C THR A 247 3.53 -15.14 17.16
N SER A 248 2.86 -14.12 17.70
CA SER A 248 2.50 -12.91 16.91
C SER A 248 2.92 -11.55 17.54
N GLY A 249 2.83 -10.48 16.74
CA GLY A 249 3.10 -9.13 17.22
C GLY A 249 3.80 -8.19 16.24
N PHE A 250 4.83 -7.50 16.74
CA PHE A 250 5.50 -6.44 15.99
C PHE A 250 7.02 -6.48 16.08
N ALA A 251 7.67 -6.09 14.98
CA ALA A 251 9.13 -5.96 14.97
C ALA A 251 9.53 -4.68 15.67
N ASN A 252 10.46 -4.81 16.60
CA ASN A 252 10.96 -3.69 17.40
C ASN A 252 11.38 -2.53 16.52
N LYS A 253 12.05 -2.88 15.43
CA LYS A 253 12.63 -1.94 14.47
C LYS A 253 12.69 -2.65 13.13
N THR A 254 12.42 -1.90 12.06
CA THR A 254 12.69 -2.38 10.70
C THR A 254 13.41 -1.33 9.86
N GLN A 255 14.38 -1.77 9.06
CA GLN A 255 14.87 -0.99 7.93
C GLN A 255 14.35 -1.66 6.66
N ASP A 256 13.74 -0.85 5.78
CA ASP A 256 13.09 -1.36 4.57
C ASP A 256 13.60 -0.63 3.33
N VAL A 257 13.91 -1.39 2.28
CA VAL A 257 14.40 -0.82 1.02
C VAL A 257 13.65 -1.37 -0.20
N LEU A 258 13.03 -0.46 -0.96
CA LEU A 258 12.34 -0.85 -2.20
C LEU A 258 12.81 0.03 -3.36
N LEU A 259 13.13 -0.62 -4.49
CA LEU A 259 13.59 0.03 -5.71
C LEU A 259 12.85 -0.50 -6.93
N VAL A 260 12.40 0.40 -7.80
CA VAL A 260 11.71 -0.03 -9.02
C VAL A 260 12.27 0.63 -10.26
N ALA A 261 12.45 -0.17 -11.29
CA ALA A 261 12.88 0.30 -12.60
C ALA A 261 11.87 -0.22 -13.59
N GLN A 262 11.26 0.69 -14.33
CA GLN A 262 10.27 0.33 -15.33
C GLN A 262 10.33 1.27 -16.54
N TYR A 263 10.18 0.68 -17.72
CA TYR A 263 10.04 1.46 -18.91
C TYR A 263 8.75 1.11 -19.63
N GLN A 264 8.08 2.13 -20.15
CA GLN A 264 6.84 1.93 -20.91
C GLN A 264 7.11 1.97 -22.41
N PHE A 265 6.95 0.82 -23.09
CA PHE A 265 7.07 0.78 -24.54
C PHE A 265 5.84 1.32 -25.23
N ASP A 266 6.05 1.92 -26.39
CA ASP A 266 4.96 2.56 -27.13
C ASP A 266 3.80 1.60 -27.36
N PHE A 267 4.11 0.45 -27.96
CA PHE A 267 3.09 -0.51 -28.39
C PHE A 267 2.28 -1.04 -27.22
N GLY A 268 2.89 -1.08 -26.03
CA GLY A 268 2.15 -1.40 -24.80
C GLY A 268 2.94 -2.02 -23.67
N LEU A 269 3.73 -3.03 -23.98
CA LEU A 269 4.46 -3.76 -22.96
C LEU A 269 5.21 -2.81 -22.02
N ARG A 270 4.97 -2.99 -20.72
CA ARG A 270 5.70 -2.27 -19.65
C ARG A 270 6.54 -3.25 -18.82
N PRO A 271 7.80 -3.49 -19.23
CA PRO A 271 8.71 -4.34 -18.47
C PRO A 271 9.12 -3.72 -17.15
N SER A 272 9.37 -4.58 -16.16
CA SER A 272 9.54 -4.13 -14.79
C SER A 272 10.64 -4.88 -14.05
N ILE A 273 11.67 -4.15 -13.65
CA ILE A 273 12.75 -4.70 -12.82
C ILE A 273 12.76 -4.00 -11.48
N ALA A 274 12.76 -4.79 -10.41
CA ALA A 274 12.61 -4.25 -9.07
C ALA A 274 13.26 -5.14 -8.01
N TYR A 275 13.33 -4.59 -6.80
CA TYR A 275 13.91 -5.26 -5.63
C TYR A 275 13.24 -4.78 -4.37
N THR A 276 13.03 -5.70 -3.43
CA THR A 276 12.48 -5.33 -2.12
C THR A 276 13.07 -6.14 -0.97
N LYS A 277 13.59 -5.44 0.03
CA LYS A 277 14.04 -6.10 1.25
C LYS A 277 13.62 -5.32 2.51
N SER A 278 12.88 -6.01 3.37
CA SER A 278 12.59 -5.56 4.73
C SER A 278 13.31 -6.47 5.69
N LYS A 279 13.90 -5.88 6.73
CA LYS A 279 14.53 -6.68 7.75
C LYS A 279 14.20 -6.09 9.11
N ALA A 280 14.01 -6.97 10.08
CA ALA A 280 13.67 -6.58 11.44
C ALA A 280 14.86 -6.77 12.39
N LYS A 281 15.42 -5.64 12.86
CA LYS A 281 16.51 -5.65 13.85
C LYS A 281 15.93 -5.84 15.25
N ASP A 282 16.64 -6.64 16.07
CA ASP A 282 16.32 -6.84 17.51
C ASP A 282 14.90 -7.38 17.80
N VAL A 283 14.54 -8.47 17.14
CA VAL A 283 13.28 -9.15 17.41
C VAL A 283 13.51 -10.11 18.57
N GLU A 284 12.47 -10.31 19.38
CA GLU A 284 12.55 -11.09 20.62
C GLU A 284 12.66 -12.60 20.40
N GLY A 285 13.78 -13.14 20.87
CA GLY A 285 14.14 -14.53 20.64
C GLY A 285 15.04 -14.76 19.43
N ILE A 286 14.91 -13.92 18.39
CA ILE A 286 15.51 -14.20 17.07
C ILE A 286 16.67 -13.27 16.60
N GLY A 287 16.70 -12.03 17.08
CA GLY A 287 17.76 -11.07 16.73
C GLY A 287 17.46 -10.23 15.49
N ASP A 288 18.16 -10.54 14.39
CA ASP A 288 17.91 -9.91 13.10
C ASP A 288 17.32 -10.92 12.11
N VAL A 289 16.16 -10.57 11.54
CA VAL A 289 15.43 -11.45 10.62
C VAL A 289 14.94 -10.70 9.39
N ASP A 290 15.17 -11.29 8.21
CA ASP A 290 14.60 -10.80 6.95
C ASP A 290 13.13 -11.21 6.87
N LEU A 291 12.30 -10.31 6.34
CA LEU A 291 10.88 -10.59 6.12
C LEU A 291 10.66 -10.75 4.62
N VAL A 292 11.05 -9.73 3.87
CA VAL A 292 10.92 -9.72 2.43
C VAL A 292 12.28 -9.47 1.76
N ASN A 293 12.66 -10.38 0.87
CA ASN A 293 13.95 -10.36 0.19
C ASN A 293 13.83 -11.04 -1.17
N TYR A 294 13.79 -10.26 -2.25
CA TYR A 294 13.55 -10.79 -3.60
C TYR A 294 13.93 -9.81 -4.72
N PHE A 295 14.04 -10.35 -5.93
CA PHE A 295 14.16 -9.54 -7.14
C PHE A 295 12.93 -9.73 -7.99
N GLU A 296 12.58 -8.69 -8.74
CA GLU A 296 11.34 -8.71 -9.49
C GLU A 296 11.54 -8.60 -11.01
N VAL A 297 11.11 -9.63 -11.72
CA VAL A 297 11.09 -9.66 -13.17
C VAL A 297 9.66 -9.78 -13.58
N GLY A 298 9.17 -8.82 -14.38
CA GLY A 298 7.80 -8.85 -14.87
C GLY A 298 7.47 -7.87 -15.98
N ALA A 299 6.33 -8.10 -16.65
CA ALA A 299 5.88 -7.24 -17.76
C ALA A 299 4.36 -7.18 -17.89
N THR A 300 3.82 -5.96 -17.76
CA THR A 300 2.41 -5.70 -18.02
C THR A 300 2.29 -5.32 -19.51
N TYR A 301 1.49 -6.06 -20.28
CA TYR A 301 1.15 -5.59 -21.63
C TYR A 301 -0.19 -4.86 -21.57
N TYR A 302 -0.19 -3.58 -21.93
CA TYR A 302 -1.42 -2.82 -21.99
C TYR A 302 -1.93 -2.78 -23.42
N PHE A 303 -3.21 -3.09 -23.57
CA PHE A 303 -3.89 -3.01 -24.86
C PHE A 303 -4.50 -1.61 -25.01
N ASN A 304 -4.99 -1.08 -23.89
CA ASN A 304 -5.53 0.29 -23.75
C ASN A 304 -5.84 0.55 -22.27
N LYS A 305 -6.63 1.59 -21.98
CA LYS A 305 -7.00 1.94 -20.60
C LYS A 305 -7.76 0.85 -19.84
N ASN A 306 -8.30 -0.12 -20.58
CA ASN A 306 -9.21 -1.14 -20.04
C ASN A 306 -8.68 -2.58 -20.03
N MET A 307 -7.75 -2.88 -20.92
CA MET A 307 -7.28 -4.25 -21.08
C MET A 307 -5.77 -4.39 -20.88
N SER A 308 -5.39 -5.50 -20.25
CA SER A 308 -3.99 -5.80 -19.91
C SER A 308 -3.80 -7.25 -19.46
N THR A 309 -2.67 -7.83 -19.84
CA THR A 309 -2.18 -9.07 -19.23
C THR A 309 -0.75 -8.87 -18.76
N TYR A 310 -0.46 -9.45 -17.59
CA TYR A 310 0.83 -9.29 -16.94
C TYR A 310 1.47 -10.59 -16.46
N VAL A 311 2.78 -10.64 -16.52
CA VAL A 311 3.53 -11.70 -15.89
C VAL A 311 4.38 -11.04 -14.84
N ASP A 312 4.28 -11.50 -13.61
CA ASP A 312 5.12 -10.99 -12.53
C ASP A 312 5.79 -12.15 -11.79
N TYR A 313 7.11 -12.07 -11.64
CA TYR A 313 7.91 -13.19 -11.15
C TYR A 313 8.94 -12.74 -10.10
N ILE A 314 8.72 -13.21 -8.87
CA ILE A 314 9.51 -12.83 -7.69
C ILE A 314 10.57 -13.88 -7.39
N ILE A 315 11.82 -13.59 -7.73
CA ILE A 315 12.95 -14.45 -7.37
C ILE A 315 13.27 -14.22 -5.90
N ASN A 316 12.89 -15.18 -5.04
CA ASN A 316 12.95 -15.01 -3.58
C ASN A 316 14.33 -15.23 -2.94
N GLN A 317 14.87 -14.16 -2.37
CA GLN A 317 16.21 -14.15 -1.80
C GLN A 317 16.25 -14.66 -0.36
N ILE A 318 15.07 -14.87 0.21
CA ILE A 318 14.94 -15.61 1.44
C ILE A 318 15.50 -17.01 1.21
N ASP A 319 16.47 -17.40 2.04
CA ASP A 319 16.91 -18.79 2.11
C ASP A 319 15.97 -19.64 2.99
N SER A 320 15.87 -20.93 2.67
CA SER A 320 14.95 -21.87 3.34
C SER A 320 15.08 -21.88 4.87
N ASP A 321 16.24 -21.45 5.36
CA ASP A 321 16.62 -21.47 6.76
C ASP A 321 16.01 -20.33 7.60
N ASN A 322 14.84 -19.84 7.20
CA ASN A 322 14.31 -18.60 7.80
C ASN A 322 13.89 -18.70 9.26
N LYS A 323 14.38 -17.74 10.05
CA LYS A 323 14.19 -17.74 11.50
C LYS A 323 12.81 -17.27 11.98
N LEU A 324 12.10 -16.50 11.16
CA LEU A 324 10.67 -16.27 11.41
C LEU A 324 9.84 -17.25 10.59
N GLY A 325 10.52 -18.00 9.72
CA GLY A 325 9.92 -19.09 8.96
C GLY A 325 9.15 -18.69 7.70
N VAL A 326 9.53 -17.54 7.13
CA VAL A 326 8.92 -16.99 5.90
C VAL A 326 9.07 -17.97 4.73
N GLY A 327 8.35 -17.72 3.65
CA GLY A 327 8.48 -18.52 2.44
C GLY A 327 9.79 -18.22 1.74
N SER A 328 10.39 -19.23 1.11
CA SER A 328 11.70 -19.08 0.43
C SER A 328 11.69 -19.45 -1.07
N ASP A 329 10.56 -20.02 -1.51
CA ASP A 329 10.34 -20.40 -2.90
C ASP A 329 9.90 -19.19 -3.70
N ASP A 330 10.06 -19.31 -5.01
CA ASP A 330 9.65 -18.26 -5.94
C ASP A 330 8.15 -18.35 -6.24
N THR A 331 7.55 -17.22 -6.62
CA THR A 331 6.14 -17.17 -6.98
C THR A 331 5.93 -16.46 -8.31
N VAL A 332 5.48 -17.22 -9.31
CA VAL A 332 5.12 -16.67 -10.62
C VAL A 332 3.64 -16.29 -10.59
N ALA A 333 3.35 -15.08 -11.04
CA ALA A 333 1.99 -14.57 -11.10
C ALA A 333 1.57 -14.13 -12.50
N VAL A 334 0.44 -14.67 -12.95
CA VAL A 334 -0.09 -14.41 -14.28
C VAL A 334 -1.52 -13.93 -14.14
N GLY A 335 -1.86 -12.88 -14.90
CA GLY A 335 -3.15 -12.23 -14.76
C GLY A 335 -3.63 -11.58 -16.04
N ILE A 336 -4.94 -11.35 -16.09
CA ILE A 336 -5.61 -10.79 -17.24
C ILE A 336 -6.62 -9.82 -16.68
N VAL A 337 -6.57 -8.56 -17.09
CA VAL A 337 -7.36 -7.52 -16.43
C VAL A 337 -8.33 -6.79 -17.35
N TYR A 338 -9.61 -6.81 -17.00
CA TYR A 338 -10.52 -5.81 -17.52
C TYR A 338 -10.88 -4.78 -16.46
N GLN A 339 -10.39 -3.56 -16.62
CA GLN A 339 -10.81 -2.46 -15.76
C GLN A 339 -11.67 -1.45 -16.51
N PHE A 340 -12.45 -0.67 -15.78
CA PHE A 340 -13.24 0.40 -16.37
C PHE A 340 -13.35 1.52 -15.36
C1 451 B . -5.19 -3.89 -11.59
C2 451 B . -6.04 -2.95 -10.99
C3 451 B . -5.55 -2.18 -9.93
C4 451 B . -4.26 -2.35 -9.43
C5 451 B . -3.41 -3.32 -10.04
C6 451 B . -3.89 -4.09 -11.11
O7 451 B . -2.12 -3.44 -9.52
C8 451 B . -1.11 -2.47 -9.90
C9 451 B . -0.14 -2.24 -8.77
O10 451 B . -0.67 -2.60 -7.48
C11 451 B . -0.11 -3.82 -6.97
C12 451 B . -0.44 -4.00 -5.49
O13 451 B . -0.64 -2.70 -4.87
C14 451 B . -0.41 -2.47 -3.53
C15 451 B . -1.42 -1.80 -2.77
O16 451 B . -2.58 -1.46 -3.41
C17 451 B . -3.75 -2.26 -3.11
C18 451 B . -3.89 -3.43 -4.05
O19 451 B . -4.76 -3.09 -5.13
C20 451 B . -4.08 -2.96 -6.37
C21 451 B . -4.46 -1.67 -7.07
O22 451 B . -3.79 -1.60 -8.36
C23 451 B . 0.78 -2.83 -2.88
C24 451 B . 0.96 -2.54 -1.53
C25 451 B . -0.03 -1.90 -0.79
C26 451 B . -1.21 -1.52 -1.42
N27 451 B . -7.36 -2.71 -11.45
C28 451 B . -8.46 -2.52 -10.66
O29 451 B . -8.42 -2.59 -9.44
C30 451 B . -9.79 -2.24 -11.32
N1 EPE C . 1.79 -7.73 1.35
C2 EPE C . 1.74 -7.27 -0.06
C3 EPE C . 0.64 -7.98 -0.84
N4 EPE C . 0.80 -9.42 -0.88
C5 EPE C . 1.20 -9.97 0.41
C6 EPE C . 1.08 -9.01 1.60
C7 EPE C . -0.43 -10.04 -1.37
C8 EPE C . -0.18 -11.41 -1.99
O8 EPE C . -1.31 -11.81 -2.76
C9 EPE C . 1.41 -6.70 2.32
C10 EPE C . 0.07 -6.01 1.99
S EPE C . -1.02 -5.64 3.40
O1S EPE C . -1.37 -4.23 3.31
O2S EPE C . -0.38 -5.93 4.69
O3S EPE C . -2.26 -6.42 3.31
#